data_7ZUJ
#
_entry.id   7ZUJ
#
_cell.length_a   96.306
_cell.length_b   149.053
_cell.length_c   98.835
_cell.angle_alpha   90.000
_cell.angle_beta   90.000
_cell.angle_gamma   90.000
#
_symmetry.space_group_name_H-M   'C 2 2 21'
#
loop_
_entity.id
_entity.type
_entity.pdbx_description
1 polymer 'Penicillin-binding protein 1b'
2 non-polymer 6-azido-N-[(2S)-1-oxidanylidene-1-[[(2S,3R)-3-oxidanyl-1-oxidanylidene-butan-2-yl]amino]propan-2-yl]hexanamide
3 non-polymer 'CHLORIDE ION'
4 non-polymer 'DIMETHYL SULFOXIDE'
5 water water
#
_entity_poly.entity_id   1
_entity_poly.type   'polypeptide(L)'
_entity_poly.pdbx_seq_one_letter_code
;MQNQLNELKRKMLEFFQQKQKNKKSARPGKKGSSTKKSKTLDKSAIFPAILLSIKALFNLLFVLGFLGGMLGAGIALGYG
VALFDKVRVPQTEELVNQVKDISSISEITYSDGTVIASIESDLLRTSISSEQISENLKKAIIATEDEHFKEHKGVVPKAV
IRATLGKFVGLGSSSGGSTLTQQLIKQQVVGDAPTLARKAAEIVDALALERAMNKDEILTTYLNVAPFGRNNKGQNIAGA
RQAAEGIFGVDASQLTVPQAAFLAGLPQSPITYSPYENTGELKSDEDLEIGLRRAKAVLYSMYRTGALSKDEYSQYKDYD
LKQDFLPSGTVTGISRDYLYFTTLAEAQERMYDYLAQRDNVSAKELKNEATQKFYRDLAAKEIENGGYKITTTIDQKIHS
AMQSAVADYGYLLDDGTGRVEVGNVLMDNQTGAILGFVGGRNYQENQNNHAFDTKRSPASTTKPLLAYGIAIDQGLMGSE
TILSNYPTNFANGNPIMYANSKGTGMMTLGEALNYSWNIPAYWTYRMLRENGVDVKGYMEKMGYEIPEYGIESLPMGGGI
EVTVAQHTNGYQTLANNGVYHQKHVISKIEAADGRVVYEYQDKPVQVYSKATATIMQGLLREVLSSRVTTTFKSNLTSLN
PTLANADWIGKTGTTGQDENMWLMLSTPRLTLGGWIGHDDNHSLSQQAGYSNNSNYMAHLVNAIQQASPSIWGNERFALD
PSVVKSEVLKSTGQKPGKVSVEGKEVEVTGSTVTSYWANKSGAPATSYRFAIGGSDADYQNAWSSIVGSLPTPSSSSSSS
SSSSDSSNSSTTRPSSSRARR
;
_entity_poly.pdbx_strand_id   AAA
#
loop_
_chem_comp.id
_chem_comp.type
_chem_comp.name
_chem_comp.formula
CL non-polymer 'CHLORIDE ION' 'Cl -1'
DMS non-polymer 'DIMETHYL SULFOXIDE' 'C2 H6 O S'
KQN non-polymer 6-azido-N-[(2S)-1-oxidanylidene-1-[[(2S,3R)-3-oxidanyl-1-oxidanylidene-butan-2-yl]amino]propan-2-yl]hexanamide 'C13 H23 N5 O4'
#
# COMPACT_ATOMS: atom_id res chain seq x y z
N ASP A 337 5.91 -25.03 10.88
CA ASP A 337 6.49 -23.69 10.65
C ASP A 337 5.38 -22.65 10.52
N TYR A 338 5.65 -21.51 9.88
CA TYR A 338 4.72 -20.33 9.94
C TYR A 338 3.39 -20.71 9.28
N LEU A 339 3.50 -21.45 8.16
CA LEU A 339 2.32 -21.82 7.34
C LEU A 339 1.43 -22.75 8.17
N TYR A 340 2.01 -23.71 8.87
CA TYR A 340 1.26 -24.69 9.69
C TYR A 340 0.40 -23.93 10.72
N PHE A 341 1.00 -23.02 11.50
CA PHE A 341 0.29 -22.35 12.62
C PHE A 341 -0.68 -21.27 12.08
N THR A 342 -0.35 -20.60 10.98
CA THR A 342 -1.24 -19.56 10.39
C THR A 342 -2.51 -20.24 9.90
N THR A 343 -2.33 -21.31 9.16
CA THR A 343 -3.43 -22.14 8.58
C THR A 343 -4.26 -22.72 9.71
N LEU A 344 -3.62 -23.29 10.73
CA LEU A 344 -4.31 -23.92 11.89
C LEU A 344 -5.16 -22.86 12.59
N ALA A 345 -4.58 -21.69 12.90
CA ALA A 345 -5.28 -20.58 13.59
C ALA A 345 -6.53 -20.18 12.80
N GLU A 346 -6.40 -20.00 11.48
CA GLU A 346 -7.54 -19.56 10.62
C GLU A 346 -8.58 -20.68 10.58
N ALA A 347 -8.15 -21.93 10.43
CA ALA A 347 -9.07 -23.10 10.35
C ALA A 347 -9.85 -23.21 11.67
N GLN A 348 -9.17 -23.02 12.79
CA GLN A 348 -9.80 -23.09 14.14
C GLN A 348 -10.89 -22.01 14.25
N GLU A 349 -10.63 -20.80 13.76
CA GLU A 349 -11.63 -19.70 13.82
C GLU A 349 -12.85 -20.06 12.97
N ARG A 350 -12.63 -20.61 11.78
CA ARG A 350 -13.73 -21.00 10.86
C ARG A 350 -14.51 -22.17 11.47
N MET A 351 -13.81 -23.12 12.08
CA MET A 351 -14.45 -24.27 12.76
C MET A 351 -15.28 -23.76 13.95
N TYR A 352 -14.77 -22.77 14.68
CA TYR A 352 -15.49 -22.14 15.80
C TYR A 352 -16.84 -21.60 15.32
N ASP A 353 -16.84 -20.83 14.24
CA ASP A 353 -18.09 -20.24 13.66
C ASP A 353 -19.04 -21.37 13.25
N TYR A 354 -18.51 -22.39 12.58
CA TYR A 354 -19.31 -23.52 12.07
C TYR A 354 -19.97 -24.26 13.24
N LEU A 355 -19.19 -24.61 14.27
CA LEU A 355 -19.69 -25.43 15.41
C LEU A 355 -20.74 -24.64 16.20
N ALA A 356 -20.52 -23.34 16.40
CA ALA A 356 -21.48 -22.49 17.15
C ALA A 356 -22.81 -22.48 16.39
N GLN A 357 -22.77 -22.31 15.07
CA GLN A 357 -24.00 -22.28 14.23
C GLN A 357 -24.63 -23.67 14.19
N ARG A 358 -23.83 -24.72 14.08
CA ARG A 358 -24.33 -26.13 14.02
C ARG A 358 -25.14 -26.40 15.31
N ASP A 359 -24.62 -25.96 16.45
CA ASP A 359 -25.19 -26.26 17.79
C ASP A 359 -26.26 -25.23 18.15
N ASN A 360 -26.58 -24.32 17.22
CA ASN A 360 -27.68 -23.34 17.37
C ASN A 360 -27.36 -22.40 18.55
N VAL A 361 -26.09 -22.07 18.75
CA VAL A 361 -25.70 -21.14 19.83
C VAL A 361 -26.04 -19.71 19.38
N SER A 362 -26.86 -19.00 20.15
CA SER A 362 -27.33 -17.62 19.84
C SER A 362 -26.15 -16.64 19.84
N ALA A 363 -26.34 -15.47 19.24
CA ALA A 363 -25.38 -14.35 19.24
C ALA A 363 -25.12 -13.91 20.67
N LYS A 364 -26.18 -13.90 21.50
CA LYS A 364 -26.09 -13.54 22.95
C LYS A 364 -25.24 -14.59 23.66
N GLU A 365 -25.64 -15.87 23.58
CA GLU A 365 -24.95 -17.01 24.23
C GLU A 365 -23.45 -16.96 23.86
N LEU A 366 -23.13 -16.55 22.63
CA LEU A 366 -21.73 -16.49 22.14
C LEU A 366 -20.96 -15.37 22.84
N LYS A 367 -21.64 -14.45 23.51
CA LYS A 367 -20.99 -13.33 24.26
C LYS A 367 -20.47 -13.86 25.61
N ASN A 368 -20.98 -14.99 26.09
CA ASN A 368 -20.56 -15.62 27.36
C ASN A 368 -19.12 -16.15 27.21
N GLU A 369 -18.20 -15.69 28.05
CA GLU A 369 -16.76 -16.01 27.92
C GLU A 369 -16.54 -17.52 28.06
N ALA A 370 -17.26 -18.16 28.99
CA ALA A 370 -17.11 -19.61 29.26
C ALA A 370 -17.61 -20.40 28.03
N THR A 371 -18.70 -19.95 27.41
CA THR A 371 -19.24 -20.57 26.18
C THR A 371 -18.20 -20.41 25.06
N GLN A 372 -17.63 -19.20 24.90
CA GLN A 372 -16.62 -18.95 23.84
C GLN A 372 -15.42 -19.89 24.06
N LYS A 373 -14.93 -19.99 25.30
CA LYS A 373 -13.76 -20.84 25.65
C LYS A 373 -14.06 -22.28 25.22
N PHE A 374 -15.24 -22.80 25.55
CA PHE A 374 -15.67 -24.19 25.21
C PHE A 374 -15.63 -24.37 23.68
N TYR A 375 -16.21 -23.44 22.92
CA TYR A 375 -16.29 -23.55 21.44
C TYR A 375 -14.90 -23.42 20.82
N ARG A 376 -14.00 -22.58 21.36
CA ARG A 376 -12.60 -22.49 20.87
CA ARG A 376 -12.60 -22.50 20.88
C ARG A 376 -11.91 -23.85 21.09
N ASP A 377 -12.08 -24.44 22.28
CA ASP A 377 -11.48 -25.76 22.62
C ASP A 377 -12.08 -26.84 21.70
N LEU A 378 -13.39 -26.83 21.53
CA LEU A 378 -14.08 -27.83 20.67
C LEU A 378 -13.53 -27.71 19.24
N ALA A 379 -13.40 -26.49 18.73
CA ALA A 379 -12.89 -26.22 17.36
C ALA A 379 -11.48 -26.80 17.21
N ALA A 380 -10.61 -26.58 18.20
CA ALA A 380 -9.22 -27.08 18.20
C ALA A 380 -9.23 -28.61 18.17
N LYS A 381 -10.03 -29.26 19.05
CA LYS A 381 -10.10 -30.75 19.12
C LYS A 381 -10.71 -31.29 17.82
N GLU A 382 -11.69 -30.60 17.22
CA GLU A 382 -12.33 -31.04 15.96
C GLU A 382 -11.27 -31.10 14.85
N ILE A 383 -10.44 -30.07 14.72
CA ILE A 383 -9.35 -30.02 13.71
C ILE A 383 -8.33 -31.12 14.04
N GLU A 384 -7.94 -31.23 15.30
CA GLU A 384 -6.88 -32.16 15.77
C GLU A 384 -7.30 -33.60 15.46
N ASN A 385 -8.57 -33.95 15.74
CA ASN A 385 -9.05 -35.35 15.80
C ASN A 385 -9.96 -35.69 14.62
N GLY A 386 -10.41 -34.67 13.86
CA GLY A 386 -11.64 -34.75 13.03
C GLY A 386 -11.43 -35.21 11.59
N GLY A 387 -10.19 -35.24 11.10
CA GLY A 387 -9.87 -35.63 9.71
C GLY A 387 -10.52 -34.71 8.67
N TYR A 388 -10.62 -33.42 8.96
CA TYR A 388 -11.08 -32.39 7.99
C TYR A 388 -10.01 -32.21 6.91
N LYS A 389 -10.44 -31.85 5.71
CA LYS A 389 -9.55 -31.46 4.59
C LYS A 389 -9.57 -29.95 4.49
N ILE A 390 -8.44 -29.31 4.75
CA ILE A 390 -8.32 -27.83 4.65
C ILE A 390 -7.64 -27.53 3.31
N THR A 391 -8.36 -26.84 2.43
CA THR A 391 -7.82 -26.38 1.13
C THR A 391 -7.33 -24.94 1.31
N THR A 392 -6.06 -24.70 1.00
CA THR A 392 -5.48 -23.34 1.10
C THR A 392 -5.23 -22.81 -0.31
N THR A 393 -4.92 -21.52 -0.38
CA THR A 393 -4.59 -20.78 -1.61
C THR A 393 -3.09 -20.89 -1.86
N ILE A 394 -2.37 -21.50 -0.92
CA ILE A 394 -0.88 -21.53 -0.97
C ILE A 394 -0.44 -22.30 -2.20
N ASP A 395 0.46 -21.69 -2.98
CA ASP A 395 1.20 -22.36 -4.07
C ASP A 395 2.44 -23.01 -3.44
N GLN A 396 2.46 -24.32 -3.27
CA GLN A 396 3.48 -24.99 -2.43
C GLN A 396 4.87 -24.67 -3.00
N LYS A 397 5.05 -24.73 -4.32
CA LYS A 397 6.38 -24.47 -4.97
C LYS A 397 6.82 -23.04 -4.65
N ILE A 398 5.92 -22.07 -4.80
CA ILE A 398 6.25 -20.63 -4.57
C ILE A 398 6.53 -20.43 -3.08
N HIS A 399 5.68 -20.92 -2.20
CA HIS A 399 5.86 -20.73 -0.75
C HIS A 399 7.20 -21.34 -0.34
N SER A 400 7.52 -22.54 -0.82
CA SER A 400 8.81 -23.21 -0.53
C SER A 400 9.97 -22.35 -1.04
N ALA A 401 9.84 -21.79 -2.25
CA ALA A 401 10.88 -20.92 -2.84
C ALA A 401 11.08 -19.69 -1.96
N MET A 402 10.00 -19.14 -1.42
CA MET A 402 10.07 -17.95 -0.55
C MET A 402 10.79 -18.32 0.74
N GLN A 403 10.55 -19.52 1.29
CA GLN A 403 11.23 -19.98 2.53
C GLN A 403 12.74 -20.09 2.23
N SER A 404 13.10 -20.67 1.10
CA SER A 404 14.53 -20.84 0.70
C SER A 404 15.15 -19.47 0.49
N ALA A 405 14.41 -18.53 -0.11
CA ALA A 405 14.92 -17.16 -0.38
C ALA A 405 15.25 -16.48 0.95
N VAL A 406 14.38 -16.54 1.95
CA VAL A 406 14.69 -15.81 3.22
C VAL A 406 15.80 -16.56 3.96
N ALA A 407 15.85 -17.89 3.87
CA ALA A 407 16.95 -18.69 4.47
C ALA A 407 18.27 -18.26 3.84
N ASP A 408 18.31 -18.11 2.51
CA ASP A 408 19.57 -17.90 1.76
C ASP A 408 19.96 -16.42 1.78
N TYR A 409 19.00 -15.50 1.72
CA TYR A 409 19.27 -14.06 1.44
C TYR A 409 18.76 -13.14 2.55
N GLY A 410 18.12 -13.67 3.58
CA GLY A 410 17.68 -12.86 4.73
C GLY A 410 18.83 -12.07 5.32
N TYR A 411 20.05 -12.61 5.30
CA TYR A 411 21.23 -11.93 5.89
C TYR A 411 21.48 -10.59 5.18
N LEU A 412 20.97 -10.42 3.96
CA LEU A 412 21.16 -9.16 3.20
C LEU A 412 20.44 -8.02 3.92
N LEU A 413 19.52 -8.34 4.82
CA LEU A 413 18.77 -7.33 5.60
C LEU A 413 19.61 -6.81 6.76
N ASP A 414 20.60 -7.56 7.22
CA ASP A 414 21.36 -7.21 8.44
C ASP A 414 22.25 -6.01 8.13
N ASP A 415 21.99 -4.89 8.78
CA ASP A 415 22.52 -3.56 8.41
C ASP A 415 23.34 -2.99 9.56
N GLY A 416 23.70 -3.82 10.53
CA GLY A 416 24.52 -3.38 11.67
C GLY A 416 23.70 -2.84 12.82
N THR A 417 22.39 -3.10 12.85
CA THR A 417 21.51 -2.75 14.00
C THR A 417 20.99 -4.02 14.67
N GLY A 418 21.69 -5.14 14.53
CA GLY A 418 21.24 -6.43 15.03
C GLY A 418 20.49 -7.21 13.96
N ARG A 419 20.07 -8.43 14.28
CA ARG A 419 19.29 -9.26 13.35
C ARG A 419 18.01 -8.50 12.98
N VAL A 420 17.77 -8.33 11.69
CA VAL A 420 16.59 -7.59 11.17
C VAL A 420 15.49 -8.61 10.85
N GLU A 421 14.29 -8.38 11.35
CA GLU A 421 13.14 -9.26 11.07
C GLU A 421 12.40 -8.77 9.83
N VAL A 422 11.56 -9.63 9.30
CA VAL A 422 11.00 -9.45 7.95
C VAL A 422 9.67 -10.16 7.88
N GLY A 423 8.77 -9.57 7.11
CA GLY A 423 7.49 -10.17 6.73
C GLY A 423 7.19 -9.86 5.29
N ASN A 424 6.69 -10.85 4.55
CA ASN A 424 6.31 -10.67 3.13
C ASN A 424 5.04 -11.46 2.89
N VAL A 425 4.16 -10.91 2.06
CA VAL A 425 2.94 -11.60 1.62
C VAL A 425 2.83 -11.46 0.12
N LEU A 426 2.67 -12.59 -0.58
CA LEU A 426 2.45 -12.61 -2.04
C LEU A 426 0.98 -12.90 -2.30
N MET A 427 0.32 -12.01 -3.01
CA MET A 427 -1.15 -12.07 -3.19
C MET A 427 -1.51 -11.99 -4.66
N ASP A 428 -2.46 -12.82 -5.07
CA ASP A 428 -3.05 -12.78 -6.43
C ASP A 428 -3.98 -11.56 -6.51
N ASN A 429 -3.74 -10.68 -7.46
CA ASN A 429 -4.48 -9.39 -7.54
C ASN A 429 -5.93 -9.63 -7.93
N GLN A 430 -6.21 -10.70 -8.66
CA GLN A 430 -7.57 -10.92 -9.21
C GLN A 430 -8.47 -11.61 -8.17
N THR A 431 -7.89 -12.20 -7.11
CA THR A 431 -8.67 -13.05 -6.17
C THR A 431 -8.44 -12.68 -4.69
N GLY A 432 -7.32 -12.05 -4.34
CA GLY A 432 -6.95 -11.83 -2.94
C GLY A 432 -6.37 -13.08 -2.30
N ALA A 433 -6.17 -14.15 -3.08
CA ALA A 433 -5.58 -15.41 -2.61
C ALA A 433 -4.11 -15.16 -2.24
N ILE A 434 -3.71 -15.64 -1.07
CA ILE A 434 -2.29 -15.53 -0.66
C ILE A 434 -1.56 -16.79 -1.15
N LEU A 435 -0.60 -16.60 -2.05
CA LEU A 435 0.12 -17.72 -2.72
C LEU A 435 1.28 -18.17 -1.85
N GLY A 436 1.81 -17.28 -1.02
CA GLY A 436 2.99 -17.60 -0.21
C GLY A 436 3.31 -16.44 0.68
N PHE A 437 4.12 -16.66 1.70
CA PHE A 437 4.49 -15.56 2.60
C PHE A 437 5.79 -15.92 3.31
N VAL A 438 6.41 -14.88 3.84
CA VAL A 438 7.58 -15.01 4.74
C VAL A 438 7.13 -14.52 6.12
N GLY A 439 7.22 -15.39 7.13
CA GLY A 439 6.80 -15.06 8.50
C GLY A 439 7.93 -14.41 9.28
N GLY A 440 9.17 -14.59 8.83
CA GLY A 440 10.34 -14.14 9.59
C GLY A 440 11.60 -14.80 9.09
N ARG A 441 12.71 -14.49 9.75
CA ARG A 441 14.07 -14.95 9.37
C ARG A 441 14.20 -16.47 9.55
N ASN A 442 13.59 -17.04 10.59
CA ASN A 442 13.81 -18.46 10.96
C ASN A 442 12.89 -18.81 12.13
N TYR A 443 11.73 -19.40 11.85
CA TYR A 443 10.75 -19.89 12.86
C TYR A 443 11.46 -20.57 14.04
N GLN A 444 12.46 -21.41 13.77
CA GLN A 444 13.14 -22.24 14.81
C GLN A 444 13.75 -21.32 15.88
N GLU A 445 14.14 -20.09 15.52
CA GLU A 445 14.83 -19.14 16.44
C GLU A 445 13.86 -18.07 16.94
N ASN A 446 12.83 -17.73 16.17
CA ASN A 446 11.86 -16.68 16.54
C ASN A 446 10.54 -16.96 15.82
N GLN A 447 9.49 -17.26 16.58
CA GLN A 447 8.20 -17.79 16.03
C GLN A 447 7.24 -16.64 15.69
N ASN A 448 7.57 -15.40 16.04
CA ASN A 448 6.67 -14.24 15.79
C ASN A 448 6.35 -14.19 14.29
N ASN A 449 5.07 -14.16 13.92
CA ASN A 449 4.65 -14.17 12.50
C ASN A 449 4.56 -12.73 12.02
N HIS A 450 5.54 -12.28 11.25
CA HIS A 450 5.65 -10.85 10.82
C HIS A 450 4.82 -10.59 9.56
N ALA A 451 4.12 -11.60 9.04
CA ALA A 451 3.25 -11.45 7.86
C ALA A 451 1.81 -11.20 8.31
N PHE A 452 1.38 -11.85 9.39
CA PHE A 452 -0.05 -11.92 9.78
C PHE A 452 -0.32 -11.37 11.18
N ASP A 453 0.69 -11.31 12.05
CA ASP A 453 0.44 -11.06 13.49
C ASP A 453 0.96 -9.66 13.86
N THR A 454 2.18 -9.33 13.45
CA THR A 454 2.86 -8.06 13.84
C THR A 454 2.17 -6.88 13.14
N LYS A 455 1.87 -5.81 13.88
CA LYS A 455 1.25 -4.60 13.29
C LYS A 455 2.22 -3.42 13.49
N ARG A 456 2.53 -2.73 12.41
CA ARG A 456 3.45 -1.57 12.45
C ARG A 456 2.88 -0.48 11.54
N SER A 457 3.28 0.76 11.77
CA SER A 457 2.90 1.87 10.88
C SER A 457 3.43 1.56 9.47
N PRO A 458 2.56 1.67 8.45
CA PRO A 458 2.98 1.51 7.05
C PRO A 458 3.66 2.77 6.49
N ALA A 459 3.77 3.81 7.31
CA ALA A 459 4.50 5.05 6.95
C ALA A 459 3.98 5.58 5.61
N SER A 460 4.87 5.98 4.70
CA SER A 460 4.51 6.70 3.44
C SER A 460 3.80 5.79 2.44
N THR A 461 3.74 4.48 2.65
CA THR A 461 2.96 3.58 1.77
C THR A 461 1.46 3.81 1.99
N THR A 462 1.09 4.62 2.99
CA THR A 462 -0.31 5.04 3.21
C THR A 462 -0.70 6.06 2.13
N LYS A 463 0.25 6.82 1.59
CA LYS A 463 -0.05 8.04 0.78
C LYS A 463 -0.88 7.71 -0.45
N PRO A 464 -0.53 6.68 -1.25
CA PRO A 464 -1.30 6.38 -2.47
C PRO A 464 -2.76 6.02 -2.17
N LEU A 465 -3.02 5.39 -1.03
CA LEU A 465 -4.35 4.83 -0.70
C LEU A 465 -5.25 5.90 -0.08
N LEU A 466 -4.72 6.65 0.88
CA LEU A 466 -5.54 7.46 1.81
C LEU A 466 -5.49 8.94 1.41
N ALA A 467 -4.47 9.37 0.68
CA ALA A 467 -4.33 10.79 0.29
C ALA A 467 -4.54 10.93 -1.21
N TYR A 468 -3.54 10.59 -2.00
CA TYR A 468 -3.54 10.86 -3.46
C TYR A 468 -4.65 10.07 -4.16
N GLY A 469 -4.79 8.78 -3.86
CA GLY A 469 -5.79 7.93 -4.54
C GLY A 469 -7.19 8.48 -4.34
N ILE A 470 -7.53 8.82 -3.10
CA ILE A 470 -8.87 9.37 -2.79
C ILE A 470 -9.03 10.74 -3.46
N ALA A 471 -8.01 11.60 -3.41
CA ALA A 471 -8.12 12.94 -4.01
C ALA A 471 -8.38 12.82 -5.52
N ILE A 472 -7.66 11.95 -6.21
CA ILE A 472 -7.88 11.69 -7.67
C ILE A 472 -9.30 11.15 -7.85
N ASP A 473 -9.72 10.21 -7.01
CA ASP A 473 -11.03 9.55 -7.14
C ASP A 473 -12.15 10.59 -7.00
N GLN A 474 -11.95 11.59 -6.15
CA GLN A 474 -12.96 12.64 -5.83
C GLN A 474 -12.88 13.78 -6.84
N GLY A 475 -12.00 13.69 -7.83
CA GLY A 475 -11.86 14.72 -8.89
C GLY A 475 -11.25 15.98 -8.33
N LEU A 476 -10.35 15.84 -7.34
CA LEU A 476 -9.70 16.98 -6.64
C LEU A 476 -8.26 17.15 -7.13
N MET A 477 -7.77 16.24 -7.96
CA MET A 477 -6.41 16.36 -8.53
C MET A 477 -6.25 15.37 -9.67
N GLY A 478 -5.34 15.67 -10.58
CA GLY A 478 -4.94 14.80 -11.68
C GLY A 478 -3.46 14.49 -11.61
N SER A 479 -2.95 13.73 -12.57
CA SER A 479 -1.60 13.14 -12.54
C SER A 479 -0.53 14.25 -12.53
N GLU A 480 -0.79 15.41 -13.13
CA GLU A 480 0.22 16.51 -13.22
C GLU A 480 -0.23 17.71 -12.38
N THR A 481 -1.11 17.48 -11.42
CA THR A 481 -1.53 18.53 -10.45
C THR A 481 -0.31 18.98 -9.66
N ILE A 482 -0.28 20.26 -9.31
CA ILE A 482 0.82 20.88 -8.53
C ILE A 482 0.41 20.90 -7.06
N LEU A 483 1.35 20.58 -6.18
CA LEU A 483 1.14 20.61 -4.72
C LEU A 483 2.21 21.49 -4.11
N SER A 484 1.87 22.11 -2.99
CA SER A 484 2.84 22.87 -2.18
C SER A 484 3.73 21.91 -1.40
N ASN A 485 5.05 22.09 -1.52
CA ASN A 485 6.06 21.53 -0.60
C ASN A 485 6.76 22.69 0.11
N TYR A 486 6.14 23.88 0.14
CA TYR A 486 6.67 25.03 0.92
C TYR A 486 6.60 24.67 2.40
N PRO A 487 7.58 25.12 3.21
CA PRO A 487 7.53 24.88 4.66
C PRO A 487 6.16 25.20 5.25
N THR A 488 5.73 24.35 6.18
CA THR A 488 4.48 24.51 6.94
C THR A 488 4.60 23.70 8.22
N ASN A 489 3.76 24.00 9.20
CA ASN A 489 3.83 23.38 10.54
C ASN A 489 2.59 22.52 10.77
N PHE A 490 2.76 21.44 11.53
CA PHE A 490 1.64 20.68 12.12
C PHE A 490 0.89 21.60 13.08
N ALA A 491 -0.28 21.15 13.52
CA ALA A 491 -1.18 21.88 14.44
C ALA A 491 -0.45 22.19 15.75
N ASN A 492 0.52 21.37 16.15
CA ASN A 492 1.25 21.55 17.43
C ASN A 492 2.43 22.52 17.24
N GLY A 493 2.61 23.06 16.03
CA GLY A 493 3.64 24.08 15.74
C GLY A 493 4.93 23.49 15.21
N ASN A 494 5.07 22.16 15.27
CA ASN A 494 6.30 21.46 14.79
C ASN A 494 6.35 21.55 13.27
N PRO A 495 7.53 21.81 12.68
CA PRO A 495 7.64 21.84 11.22
C PRO A 495 7.43 20.45 10.62
N ILE A 496 6.75 20.38 9.47
CA ILE A 496 6.68 19.13 8.70
C ILE A 496 8.02 18.94 7.99
N MET A 497 8.73 17.88 8.36
CA MET A 497 10.12 17.60 7.91
C MET A 497 10.14 16.47 6.89
N TYR A 498 11.18 16.47 6.08
CA TYR A 498 11.56 15.39 5.14
C TYR A 498 13.07 15.28 5.26
N ALA A 499 13.58 14.24 5.91
CA ALA A 499 14.99 14.19 6.34
C ALA A 499 15.31 15.53 7.02
N ASN A 500 16.32 16.28 6.57
CA ASN A 500 16.69 17.57 7.21
C ASN A 500 16.06 18.76 6.47
N SER A 501 15.14 18.51 5.54
CA SER A 501 14.49 19.57 4.72
C SER A 501 13.15 19.99 5.35
N LYS A 502 12.98 21.30 5.53
CA LYS A 502 11.71 21.95 6.00
C LYS A 502 10.81 22.18 4.79
N GLY A 503 11.30 21.82 3.59
CA GLY A 503 10.52 21.88 2.33
C GLY A 503 11.20 22.71 1.27
N THR A 504 10.56 22.79 0.10
CA THR A 504 11.07 23.48 -1.11
C THR A 504 9.98 24.45 -1.58
N GLY A 505 9.38 24.20 -2.74
CA GLY A 505 8.34 25.05 -3.32
C GLY A 505 7.25 24.19 -3.92
N MET A 506 6.64 24.64 -5.02
CA MET A 506 5.62 23.85 -5.74
C MET A 506 6.29 22.64 -6.41
N MET A 507 5.57 21.54 -6.53
CA MET A 507 6.04 20.36 -7.29
C MET A 507 4.85 19.58 -7.82
N THR A 508 5.08 18.78 -8.85
CA THR A 508 4.06 17.87 -9.43
C THR A 508 3.80 16.73 -8.45
N LEU A 509 2.63 16.12 -8.59
CA LEU A 509 2.26 14.88 -7.88
C LEU A 509 3.34 13.82 -8.12
N GLY A 510 3.85 13.72 -9.35
CA GLY A 510 4.91 12.74 -9.69
C GLY A 510 6.17 12.96 -8.85
N GLU A 511 6.66 14.19 -8.77
CA GLU A 511 7.83 14.50 -7.92
C GLU A 511 7.50 14.19 -6.46
N ALA A 512 6.32 14.57 -5.99
CA ALA A 512 5.90 14.36 -4.59
C ALA A 512 5.93 12.85 -4.29
N LEU A 513 5.43 12.02 -5.20
CA LEU A 513 5.39 10.55 -4.98
C LEU A 513 6.77 9.93 -5.11
N ASN A 514 7.55 10.33 -6.11
CA ASN A 514 8.87 9.71 -6.37
C ASN A 514 9.78 9.91 -5.15
N TYR A 515 9.73 11.08 -4.54
CA TYR A 515 10.59 11.42 -3.39
C TYR A 515 9.91 11.05 -2.07
N SER A 516 8.58 10.92 -2.09
CA SER A 516 7.73 10.77 -0.89
C SER A 516 7.88 12.03 -0.01
N TRP A 517 7.86 13.21 -0.63
CA TRP A 517 7.77 14.48 0.12
C TRP A 517 6.53 14.45 1.01
N ASN A 518 6.63 15.03 2.21
CA ASN A 518 5.58 14.88 3.25
C ASN A 518 4.56 16.01 3.14
N ILE A 519 5.01 17.24 2.93
CA ILE A 519 4.09 18.42 2.98
C ILE A 519 2.99 18.26 1.94
N PRO A 520 3.28 17.84 0.69
CA PRO A 520 2.22 17.64 -0.30
C PRO A 520 1.15 16.64 0.17
N ALA A 521 1.58 15.56 0.83
CA ALA A 521 0.64 14.52 1.35
C ALA A 521 -0.22 15.14 2.47
N TYR A 522 0.41 15.92 3.34
CA TYR A 522 -0.27 16.64 4.44
C TYR A 522 -1.36 17.53 3.84
N TRP A 523 -1.05 18.32 2.82
CA TRP A 523 -2.05 19.24 2.21
C TRP A 523 -3.15 18.45 1.54
N THR A 524 -2.80 17.35 0.90
CA THR A 524 -3.80 16.52 0.20
C THR A 524 -4.83 16.03 1.22
N TYR A 525 -4.36 15.48 2.33
CA TYR A 525 -5.27 14.92 3.36
C TYR A 525 -6.07 16.07 3.99
N ARG A 526 -5.43 17.21 4.21
CA ARG A 526 -6.13 18.39 4.79
CA ARG A 526 -6.13 18.40 4.79
C ARG A 526 -7.28 18.79 3.85
N MET A 527 -7.04 18.75 2.54
CA MET A 527 -8.08 19.08 1.52
C MET A 527 -9.24 18.09 1.66
N LEU A 528 -8.95 16.79 1.82
CA LEU A 528 -10.01 15.76 1.98
C LEU A 528 -10.83 16.07 3.23
N ARG A 529 -10.16 16.41 4.33
CA ARG A 529 -10.84 16.74 5.60
C ARG A 529 -11.71 17.98 5.40
N GLU A 530 -11.17 19.04 4.79
CA GLU A 530 -11.91 20.30 4.60
C GLU A 530 -13.15 20.04 3.74
N ASN A 531 -13.05 19.14 2.76
CA ASN A 531 -14.15 18.86 1.80
C ASN A 531 -15.11 17.81 2.36
N GLY A 532 -14.81 17.26 3.54
CA GLY A 532 -15.70 16.29 4.22
C GLY A 532 -15.77 14.98 3.46
N VAL A 533 -14.68 14.58 2.81
CA VAL A 533 -14.60 13.33 2.03
C VAL A 533 -14.66 12.16 3.01
N ASP A 534 -15.46 11.16 2.69
CA ASP A 534 -15.63 9.94 3.51
C ASP A 534 -14.43 9.02 3.29
N VAL A 535 -13.28 9.40 3.84
CA VAL A 535 -12.03 8.60 3.75
C VAL A 535 -12.26 7.25 4.42
N LYS A 536 -12.92 7.25 5.58
CA LYS A 536 -13.17 6.00 6.33
C LYS A 536 -13.89 4.99 5.42
N GLY A 537 -14.82 5.46 4.59
CA GLY A 537 -15.57 4.59 3.66
C GLY A 537 -14.63 3.80 2.76
N TYR A 538 -13.64 4.49 2.17
CA TYR A 538 -12.62 3.85 1.30
C TYR A 538 -11.81 2.85 2.12
N MET A 539 -11.29 3.30 3.26
CA MET A 539 -10.30 2.49 3.99
C MET A 539 -10.99 1.24 4.56
N GLU A 540 -12.24 1.34 5.02
CA GLU A 540 -12.94 0.19 5.63
C GLU A 540 -13.38 -0.79 4.55
N LYS A 541 -13.62 -0.32 3.32
CA LYS A 541 -13.94 -1.22 2.19
C LYS A 541 -12.75 -2.14 1.93
N MET A 542 -11.53 -1.71 2.29
CA MET A 542 -10.32 -2.52 2.08
C MET A 542 -9.92 -3.23 3.38
N GLY A 543 -10.71 -3.11 4.43
CA GLY A 543 -10.50 -3.86 5.68
C GLY A 543 -9.57 -3.17 6.66
N TYR A 544 -9.21 -1.92 6.42
CA TYR A 544 -8.36 -1.15 7.36
C TYR A 544 -9.17 -0.73 8.59
N GLU A 545 -8.51 -0.78 9.73
CA GLU A 545 -9.02 -0.29 11.04
C GLU A 545 -8.13 0.87 11.50
N ILE A 546 -8.69 2.08 11.41
CA ILE A 546 -8.01 3.36 11.78
C ILE A 546 -8.90 4.04 12.81
N PRO A 547 -8.40 4.25 14.03
CA PRO A 547 -9.23 4.76 15.12
C PRO A 547 -9.57 6.24 14.98
N GLU A 548 -8.66 7.07 14.45
CA GLU A 548 -8.84 8.54 14.40
C GLU A 548 -8.50 9.05 13.01
N TYR A 549 -9.48 9.54 12.26
CA TYR A 549 -9.26 9.99 10.87
C TYR A 549 -8.81 11.46 10.82
N GLY A 550 -8.77 12.16 11.96
CA GLY A 550 -8.36 13.57 12.00
C GLY A 550 -6.86 13.75 12.15
N ILE A 551 -6.10 12.67 12.28
CA ILE A 551 -4.62 12.72 12.47
C ILE A 551 -3.98 13.35 11.22
N GLU A 552 -3.24 14.46 11.39
CA GLU A 552 -2.68 15.21 10.24
C GLU A 552 -1.67 14.36 9.47
N SER A 553 -0.96 13.49 10.18
CA SER A 553 0.14 12.67 9.59
C SER A 553 -0.39 11.30 9.14
N LEU A 554 -1.71 11.12 9.00
CA LEU A 554 -2.24 9.82 8.54
C LEU A 554 -1.57 9.40 7.24
N PRO A 555 -1.37 10.29 6.24
CA PRO A 555 -0.71 9.87 5.00
C PRO A 555 0.71 9.35 5.19
N MET A 556 1.40 9.84 6.21
CA MET A 556 2.77 9.43 6.56
C MET A 556 2.75 8.24 7.54
N GLY A 557 1.58 7.70 7.83
CA GLY A 557 1.45 6.47 8.64
C GLY A 557 1.17 6.76 10.11
N GLY A 558 0.96 8.02 10.48
CA GLY A 558 0.55 8.36 11.85
C GLY A 558 -0.85 7.84 12.14
N GLY A 559 -1.06 7.16 13.27
CA GLY A 559 -2.39 6.72 13.68
C GLY A 559 -2.91 5.53 12.89
N ILE A 560 -2.01 4.82 12.22
CA ILE A 560 -2.36 3.59 11.48
C ILE A 560 -1.28 2.55 11.77
N GLU A 561 -1.71 1.34 12.10
CA GLU A 561 -0.81 0.18 12.30
C GLU A 561 -1.45 -1.01 11.60
N VAL A 562 -0.69 -1.71 10.77
CA VAL A 562 -1.25 -2.75 9.88
C VAL A 562 -0.33 -3.96 9.87
N THR A 563 -0.92 -5.11 9.56
CA THR A 563 -0.13 -6.32 9.25
C THR A 563 0.35 -6.22 7.80
N VAL A 564 1.35 -6.99 7.45
CA VAL A 564 1.80 -7.05 6.04
C VAL A 564 0.66 -7.60 5.17
N ALA A 565 -0.06 -8.62 5.63
CA ALA A 565 -1.15 -9.23 4.84
C ALA A 565 -2.23 -8.18 4.55
N GLN A 566 -2.64 -7.43 5.56
CA GLN A 566 -3.71 -6.42 5.40
C GLN A 566 -3.23 -5.36 4.40
N HIS A 567 -2.01 -4.88 4.56
CA HIS A 567 -1.54 -3.76 3.74
C HIS A 567 -1.33 -4.21 2.30
N THR A 568 -0.89 -5.46 2.12
CA THR A 568 -0.77 -6.08 0.78
C THR A 568 -2.14 -6.02 0.10
N ASN A 569 -3.20 -6.21 0.88
CA ASN A 569 -4.59 -6.17 0.35
C ASN A 569 -4.94 -4.77 -0.16
N GLY A 570 -4.43 -3.71 0.46
CA GLY A 570 -4.64 -2.35 -0.04
C GLY A 570 -4.01 -2.17 -1.40
N TYR A 571 -2.78 -2.65 -1.59
CA TYR A 571 -2.05 -2.53 -2.86
C TYR A 571 -2.67 -3.46 -3.90
N GLN A 572 -3.21 -4.59 -3.46
CA GLN A 572 -3.99 -5.51 -4.34
C GLN A 572 -5.12 -4.71 -4.98
N THR A 573 -5.78 -3.88 -4.20
CA THR A 573 -6.94 -3.10 -4.66
C THR A 573 -6.49 -2.14 -5.78
N LEU A 574 -5.41 -1.39 -5.56
CA LEU A 574 -4.91 -0.44 -6.59
C LEU A 574 -4.46 -1.20 -7.85
N ALA A 575 -3.77 -2.33 -7.69
CA ALA A 575 -3.21 -3.09 -8.82
C ALA A 575 -4.36 -3.71 -9.62
N ASN A 576 -5.42 -4.11 -8.95
CA ASN A 576 -6.58 -4.78 -9.58
C ASN A 576 -7.58 -3.73 -10.08
N ASN A 577 -7.08 -2.63 -10.64
CA ASN A 577 -7.89 -1.55 -11.26
C ASN A 577 -8.98 -1.10 -10.29
N GLY A 578 -8.69 -1.08 -8.99
CA GLY A 578 -9.55 -0.46 -7.97
C GLY A 578 -10.50 -1.42 -7.31
N VAL A 579 -10.47 -2.71 -7.69
CA VAL A 579 -11.42 -3.73 -7.17
C VAL A 579 -10.73 -4.54 -6.08
N TYR A 580 -11.22 -4.36 -4.84
CA TYR A 580 -10.77 -5.11 -3.65
C TYR A 580 -11.31 -6.53 -3.69
N HIS A 581 -10.46 -7.49 -3.37
CA HIS A 581 -10.83 -8.89 -3.01
C HIS A 581 -10.25 -9.18 -1.63
N GLN A 582 -11.06 -9.63 -0.69
CA GLN A 582 -10.58 -9.87 0.69
C GLN A 582 -9.51 -10.95 0.69
N LYS A 583 -8.36 -10.62 1.28
CA LYS A 583 -7.26 -11.59 1.46
C LYS A 583 -7.78 -12.86 2.11
N HIS A 584 -7.18 -14.00 1.74
CA HIS A 584 -7.49 -15.30 2.37
C HIS A 584 -6.35 -16.27 2.09
N VAL A 585 -6.16 -17.20 3.04
CA VAL A 585 -5.26 -18.38 2.90
CA VAL A 585 -5.26 -18.37 2.86
C VAL A 585 -6.12 -19.65 2.80
N ILE A 586 -7.26 -19.66 3.50
CA ILE A 586 -8.16 -20.84 3.44
C ILE A 586 -9.22 -20.60 2.37
N SER A 587 -9.35 -21.53 1.42
CA SER A 587 -10.41 -21.47 0.39
CA SER A 587 -10.39 -21.52 0.36
C SER A 587 -11.60 -22.32 0.84
N LYS A 588 -11.34 -23.43 1.51
CA LYS A 588 -12.42 -24.38 1.86
C LYS A 588 -11.98 -25.30 3.00
N ILE A 589 -12.93 -25.65 3.87
CA ILE A 589 -12.77 -26.72 4.89
C ILE A 589 -13.91 -27.71 4.67
N GLU A 590 -13.56 -28.98 4.47
CA GLU A 590 -14.53 -30.08 4.24
C GLU A 590 -14.33 -31.13 5.31
N ALA A 591 -15.41 -31.75 5.78
CA ALA A 591 -15.34 -33.00 6.55
C ALA A 591 -14.79 -34.08 5.63
N ALA A 592 -14.33 -35.19 6.22
CA ALA A 592 -13.83 -36.38 5.50
C ALA A 592 -14.85 -36.79 4.42
N ASP A 593 -16.15 -36.68 4.72
CA ASP A 593 -17.23 -37.17 3.82
C ASP A 593 -17.60 -36.08 2.81
N GLY A 594 -16.94 -34.92 2.84
CA GLY A 594 -17.07 -33.89 1.81
C GLY A 594 -18.09 -32.81 2.17
N ARG A 595 -18.73 -32.90 3.34
CA ARG A 595 -19.61 -31.81 3.85
C ARG A 595 -18.76 -30.53 3.96
N VAL A 596 -19.30 -29.40 3.50
CA VAL A 596 -18.57 -28.11 3.50
C VAL A 596 -18.78 -27.44 4.86
N VAL A 597 -17.70 -27.32 5.63
CA VAL A 597 -17.66 -26.61 6.95
C VAL A 597 -17.56 -25.11 6.67
N TYR A 598 -16.71 -24.73 5.70
CA TYR A 598 -16.49 -23.32 5.33
C TYR A 598 -16.00 -23.26 3.88
N GLU A 599 -16.43 -22.22 3.17
CA GLU A 599 -15.95 -21.91 1.81
C GLU A 599 -15.86 -20.40 1.67
N TYR A 600 -14.69 -19.94 1.27
CA TYR A 600 -14.45 -18.49 1.00
C TYR A 600 -15.45 -18.04 -0.06
N GLN A 601 -16.07 -16.89 0.18
CA GLN A 601 -17.02 -16.24 -0.75
C GLN A 601 -16.41 -14.91 -1.18
N ASP A 602 -16.11 -14.81 -2.48
CA ASP A 602 -15.61 -13.57 -3.10
C ASP A 602 -16.70 -12.51 -3.00
N LYS A 603 -16.34 -11.33 -2.47
CA LYS A 603 -17.19 -10.12 -2.38
C LYS A 603 -16.40 -8.95 -2.96
N PRO A 604 -16.28 -8.87 -4.31
CA PRO A 604 -15.49 -7.81 -4.93
C PRO A 604 -16.15 -6.47 -4.67
N VAL A 605 -15.34 -5.46 -4.37
CA VAL A 605 -15.80 -4.06 -4.12
C VAL A 605 -14.95 -3.11 -4.96
N GLN A 606 -15.60 -2.27 -5.78
CA GLN A 606 -14.92 -1.19 -6.54
C GLN A 606 -14.65 -0.05 -5.56
N VAL A 607 -13.46 -0.03 -4.97
CA VAL A 607 -13.10 0.95 -3.91
C VAL A 607 -12.70 2.28 -4.56
N TYR A 608 -11.90 2.19 -5.61
CA TYR A 608 -11.49 3.33 -6.46
C TYR A 608 -12.05 3.09 -7.84
N SER A 609 -12.37 4.16 -8.56
CA SER A 609 -12.75 4.06 -9.99
C SER A 609 -11.60 3.44 -10.77
N LYS A 610 -11.90 2.80 -11.90
CA LYS A 610 -10.87 2.23 -12.79
C LYS A 610 -9.94 3.36 -13.24
N ALA A 611 -10.47 4.55 -13.47
CA ALA A 611 -9.69 5.74 -13.88
C ALA A 611 -8.67 6.04 -12.76
N THR A 612 -9.13 6.13 -11.52
CA THR A 612 -8.24 6.45 -10.38
C THR A 612 -7.13 5.43 -10.28
N ALA A 613 -7.50 4.15 -10.24
CA ALA A 613 -6.55 3.04 -9.99
C ALA A 613 -5.50 3.04 -11.10
N THR A 614 -5.93 3.21 -12.36
CA THR A 614 -4.97 3.15 -13.50
C THR A 614 -4.07 4.39 -13.52
N ILE A 615 -4.59 5.55 -13.16
CA ILE A 615 -3.74 6.75 -13.01
C ILE A 615 -2.69 6.46 -11.93
N MET A 616 -3.11 5.90 -10.80
CA MET A 616 -2.17 5.66 -9.67
C MET A 616 -1.11 4.64 -10.10
N GLN A 617 -1.49 3.62 -10.87
CA GLN A 617 -0.53 2.61 -11.37
C GLN A 617 0.58 3.34 -12.11
N GLY A 618 0.23 4.28 -13.00
CA GLY A 618 1.21 5.01 -13.81
C GLY A 618 2.16 5.79 -12.92
N LEU A 619 1.63 6.37 -11.84
CA LEU A 619 2.47 7.17 -10.91
C LEU A 619 3.39 6.24 -10.14
N LEU A 620 2.90 5.10 -9.67
CA LEU A 620 3.72 4.19 -8.84
C LEU A 620 4.74 3.47 -9.72
N ARG A 621 4.50 3.38 -11.03
CA ARG A 621 5.52 2.84 -11.96
C ARG A 621 6.77 3.75 -11.85
N GLU A 622 6.54 5.04 -11.86
CA GLU A 622 7.64 6.04 -11.86
C GLU A 622 8.31 6.08 -10.49
N VAL A 623 7.60 5.78 -9.41
CA VAL A 623 8.24 5.72 -8.07
C VAL A 623 9.40 4.74 -8.15
N LEU A 624 9.17 3.55 -8.69
CA LEU A 624 10.24 2.53 -8.75
C LEU A 624 11.28 2.94 -9.80
N SER A 625 10.87 3.36 -11.00
CA SER A 625 11.82 3.65 -12.11
CA SER A 625 11.83 3.62 -12.09
C SER A 625 12.74 4.81 -11.73
N SER A 626 12.23 5.77 -10.97
CA SER A 626 13.00 6.98 -10.56
C SER A 626 14.15 6.58 -9.61
N ARG A 627 13.99 5.48 -8.89
CA ARG A 627 15.02 4.91 -7.98
C ARG A 627 15.38 5.90 -6.87
N VAL A 628 14.50 6.84 -6.53
CA VAL A 628 14.84 7.85 -5.50
C VAL A 628 14.81 7.21 -4.12
N THR A 629 13.75 6.46 -3.81
CA THR A 629 13.54 5.94 -2.44
C THR A 629 13.81 4.44 -2.36
N THR A 630 14.18 3.81 -3.47
CA THR A 630 14.48 2.37 -3.49
C THR A 630 15.37 2.03 -4.69
N THR A 631 16.34 1.15 -4.46
CA THR A 631 17.24 0.62 -5.50
C THR A 631 16.61 -0.59 -6.19
N PHE A 632 15.37 -0.94 -5.85
CA PHE A 632 14.76 -2.23 -6.28
C PHE A 632 14.95 -2.47 -7.79
N LYS A 633 14.63 -1.50 -8.65
CA LYS A 633 14.69 -1.74 -10.12
C LYS A 633 16.15 -2.03 -10.53
N SER A 634 17.14 -1.41 -9.89
CA SER A 634 18.56 -1.68 -10.20
C SER A 634 18.91 -3.10 -9.72
N ASN A 635 18.48 -3.45 -8.52
CA ASN A 635 18.75 -4.79 -7.95
C ASN A 635 18.15 -5.84 -8.88
N LEU A 636 16.88 -5.67 -9.25
CA LEU A 636 16.18 -6.73 -10.00
C LEU A 636 16.72 -6.80 -11.44
N THR A 637 17.05 -5.67 -12.05
CA THR A 637 17.57 -5.66 -13.44
C THR A 637 18.84 -6.51 -13.49
N SER A 638 19.68 -6.46 -12.46
CA SER A 638 20.91 -7.29 -12.43
C SER A 638 20.57 -8.77 -12.24
N LEU A 639 19.67 -9.10 -11.31
CA LEU A 639 19.35 -10.52 -10.97
C LEU A 639 18.61 -11.18 -12.13
N ASN A 640 17.67 -10.47 -12.75
CA ASN A 640 16.70 -11.06 -13.68
C ASN A 640 16.18 -9.95 -14.59
N PRO A 641 16.96 -9.57 -15.62
CA PRO A 641 16.59 -8.45 -16.48
C PRO A 641 15.24 -8.66 -17.16
N THR A 642 14.92 -9.90 -17.52
CA THR A 642 13.64 -10.20 -18.18
C THR A 642 12.50 -9.90 -17.20
N LEU A 643 12.65 -10.32 -15.95
CA LEU A 643 11.62 -10.06 -14.91
C LEU A 643 11.57 -8.56 -14.62
N ALA A 644 12.71 -7.86 -14.63
CA ALA A 644 12.72 -6.40 -14.36
C ALA A 644 11.91 -5.67 -15.43
N ASN A 645 11.73 -6.28 -16.60
CA ASN A 645 11.00 -5.64 -17.72
C ASN A 645 9.49 -5.91 -17.61
N ALA A 646 9.06 -6.71 -16.64
CA ALA A 646 7.62 -6.82 -16.27
C ALA A 646 7.18 -5.43 -15.76
N ASP A 647 5.88 -5.19 -15.66
CA ASP A 647 5.38 -3.84 -15.37
C ASP A 647 5.27 -3.65 -13.85
N TRP A 648 6.40 -3.40 -13.21
CA TRP A 648 6.52 -3.19 -11.75
C TRP A 648 6.04 -1.79 -11.37
N ILE A 649 5.21 -1.74 -10.35
CA ILE A 649 4.83 -0.48 -9.66
C ILE A 649 5.02 -0.68 -8.15
N GLY A 650 5.21 0.40 -7.42
CA GLY A 650 5.34 0.21 -5.97
C GLY A 650 5.60 1.49 -5.22
N LYS A 651 5.79 1.35 -3.93
CA LYS A 651 5.88 2.50 -3.00
C LYS A 651 6.67 2.04 -1.78
N THR A 652 7.48 2.94 -1.25
CA THR A 652 8.26 2.73 -0.01
C THR A 652 7.64 3.49 1.16
N GLY A 653 8.02 3.08 2.35
CA GLY A 653 7.74 3.84 3.58
C GLY A 653 8.83 3.65 4.59
N THR A 654 9.09 4.69 5.36
CA THR A 654 10.04 4.71 6.47
C THR A 654 9.40 5.41 7.65
N THR A 655 9.33 4.81 8.84
CA THR A 655 8.78 5.48 10.03
C THR A 655 9.82 6.49 10.54
N GLY A 656 9.43 7.38 11.45
CA GLY A 656 10.16 8.61 11.79
C GLY A 656 11.58 8.35 12.28
N GLN A 657 11.78 7.29 13.06
CA GLN A 657 13.12 6.95 13.63
C GLN A 657 13.69 5.71 12.91
N ASP A 658 13.27 5.47 11.67
CA ASP A 658 13.77 4.33 10.86
C ASP A 658 13.48 2.99 11.56
N GLU A 659 12.41 2.89 12.35
CA GLU A 659 12.09 1.63 13.07
C GLU A 659 11.49 0.62 12.09
N ASN A 660 10.83 1.09 11.04
CA ASN A 660 10.09 0.20 10.11
C ASN A 660 10.30 0.71 8.70
N MET A 661 10.60 -0.21 7.80
CA MET A 661 10.71 0.07 6.36
C MET A 661 9.73 -0.81 5.64
N TRP A 662 9.11 -0.26 4.62
CA TRP A 662 8.12 -0.98 3.79
C TRP A 662 8.49 -0.80 2.33
N LEU A 663 8.27 -1.84 1.55
CA LEU A 663 8.28 -1.75 0.09
C LEU A 663 7.11 -2.62 -0.39
N MET A 664 6.18 -1.99 -1.08
CA MET A 664 5.01 -2.66 -1.66
C MET A 664 5.21 -2.70 -3.18
N LEU A 665 5.05 -3.88 -3.77
CA LEU A 665 5.37 -4.10 -5.20
C LEU A 665 4.18 -4.78 -5.85
N SER A 666 3.85 -4.37 -7.06
CA SER A 666 2.82 -5.07 -7.86
C SER A 666 3.27 -5.20 -9.31
N THR A 667 2.86 -6.30 -9.94
CA THR A 667 2.63 -6.41 -11.39
C THR A 667 1.12 -6.52 -11.55
N PRO A 668 0.59 -6.49 -12.79
CA PRO A 668 -0.85 -6.69 -12.96
C PRO A 668 -1.32 -7.97 -12.26
N ARG A 669 -0.53 -9.04 -12.25
CA ARG A 669 -1.00 -10.33 -11.70
C ARG A 669 -0.88 -10.40 -10.17
N LEU A 670 0.22 -9.91 -9.59
CA LEU A 670 0.55 -10.19 -8.18
C LEU A 670 0.93 -8.91 -7.45
N THR A 671 0.70 -8.92 -6.14
CA THR A 671 1.25 -7.91 -5.21
C THR A 671 2.09 -8.63 -4.17
N LEU A 672 3.26 -8.07 -3.90
CA LEU A 672 4.15 -8.54 -2.82
C LEU A 672 4.35 -7.39 -1.84
N GLY A 673 3.92 -7.58 -0.60
CA GLY A 673 4.17 -6.63 0.48
C GLY A 673 5.42 -7.02 1.23
N GLY A 674 6.15 -6.02 1.71
CA GLY A 674 7.38 -6.27 2.46
C GLY A 674 7.54 -5.26 3.57
N TRP A 675 7.77 -5.78 4.77
CA TRP A 675 8.15 -4.98 5.96
C TRP A 675 9.47 -5.50 6.46
N ILE A 676 10.30 -4.62 6.98
CA ILE A 676 11.44 -5.02 7.84
C ILE A 676 11.46 -4.11 9.06
N GLY A 677 12.04 -4.62 10.13
CA GLY A 677 12.13 -3.91 11.40
C GLY A 677 12.65 -4.82 12.48
N HIS A 678 12.62 -4.35 13.71
CA HIS A 678 13.06 -5.11 14.90
C HIS A 678 11.84 -5.41 15.78
N ASP A 679 11.81 -6.59 16.39
CA ASP A 679 10.70 -7.02 17.27
C ASP A 679 10.54 -6.01 18.42
N ASP A 680 11.62 -5.39 18.89
CA ASP A 680 11.58 -4.47 20.07
C ASP A 680 11.49 -3.01 19.59
N ASN A 681 11.32 -2.79 18.29
CA ASN A 681 11.00 -1.47 17.69
C ASN A 681 12.23 -0.55 17.66
N HIS A 682 13.44 -1.05 17.86
CA HIS A 682 14.63 -0.15 17.79
C HIS A 682 14.93 0.18 16.32
N SER A 683 15.70 1.26 16.11
CA SER A 683 15.96 1.87 14.77
C SER A 683 16.78 0.90 13.91
N LEU A 684 16.39 0.81 12.64
CA LEU A 684 17.23 0.24 11.55
C LEU A 684 18.24 1.31 11.13
N SER A 685 19.17 0.95 10.27
CA SER A 685 20.10 1.89 9.63
C SER A 685 19.30 2.80 8.68
N GLN A 686 19.89 3.93 8.31
CA GLN A 686 19.19 4.95 7.50
C GLN A 686 18.82 4.36 6.13
N GLN A 687 19.68 3.52 5.56
CA GLN A 687 19.52 3.02 4.17
C GLN A 687 18.89 1.62 4.16
N ALA A 688 18.37 1.12 5.28
CA ALA A 688 17.85 -0.26 5.41
C ALA A 688 16.74 -0.50 4.38
N GLY A 689 15.85 0.47 4.19
CA GLY A 689 14.72 0.34 3.25
C GLY A 689 15.17 0.61 1.83
N TYR A 690 15.92 1.69 1.65
CA TYR A 690 16.41 2.14 0.33
C TYR A 690 17.20 1.02 -0.36
N SER A 691 18.15 0.41 0.36
CA SER A 691 19.09 -0.57 -0.25
CA SER A 691 19.11 -0.57 -0.23
C SER A 691 18.78 -1.99 0.25
N ASN A 692 18.91 -2.27 1.54
CA ASN A 692 18.87 -3.68 2.03
C ASN A 692 17.55 -4.34 1.67
N ASN A 693 16.42 -3.72 2.03
CA ASN A 693 15.09 -4.35 1.81
C ASN A 693 14.85 -4.47 0.32
N SER A 694 15.29 -3.48 -0.46
CA SER A 694 15.13 -3.48 -1.93
C SER A 694 15.88 -4.67 -2.53
N ASN A 695 17.13 -4.88 -2.11
CA ASN A 695 17.97 -6.00 -2.58
C ASN A 695 17.34 -7.34 -2.16
N TYR A 696 16.97 -7.48 -0.90
CA TYR A 696 16.30 -8.70 -0.39
C TYR A 696 15.04 -8.98 -1.22
N MET A 697 14.20 -7.96 -1.43
CA MET A 697 12.91 -8.19 -2.12
C MET A 697 13.16 -8.49 -3.61
N ALA A 698 14.24 -7.97 -4.21
CA ALA A 698 14.61 -8.34 -5.59
C ALA A 698 14.94 -9.85 -5.63
N HIS A 699 15.67 -10.34 -4.63
CA HIS A 699 16.02 -11.78 -4.52
C HIS A 699 14.73 -12.59 -4.34
N LEU A 700 13.83 -12.09 -3.50
CA LEU A 700 12.56 -12.80 -3.19
C LEU A 700 11.72 -12.90 -4.47
N VAL A 701 11.62 -11.82 -5.23
CA VAL A 701 10.81 -11.78 -6.48
C VAL A 701 11.43 -12.74 -7.50
N ASN A 702 12.74 -12.75 -7.57
CA ASN A 702 13.48 -13.65 -8.50
C ASN A 702 13.21 -15.11 -8.10
N ALA A 703 13.30 -15.44 -6.81
CA ALA A 703 13.04 -16.80 -6.28
C ALA A 703 11.63 -17.25 -6.66
N ILE A 704 10.66 -16.35 -6.52
CA ILE A 704 9.24 -16.65 -6.87
C ILE A 704 9.18 -16.98 -8.37
N GLN A 705 9.84 -16.18 -9.20
CA GLN A 705 9.75 -16.36 -10.68
C GLN A 705 10.45 -17.67 -11.07
N GLN A 706 11.56 -18.00 -10.41
CA GLN A 706 12.31 -19.24 -10.73
C GLN A 706 11.42 -20.44 -10.40
N ALA A 707 10.64 -20.35 -9.32
CA ALA A 707 9.74 -21.44 -8.85
C ALA A 707 8.53 -21.59 -9.78
N SER A 708 8.08 -20.49 -10.38
CA SER A 708 6.80 -20.40 -11.14
C SER A 708 6.95 -19.36 -12.24
N PRO A 709 7.58 -19.75 -13.38
CA PRO A 709 8.09 -18.77 -14.34
C PRO A 709 7.10 -17.73 -14.87
N SER A 710 5.81 -18.08 -14.97
CA SER A 710 4.77 -17.21 -15.58
C SER A 710 4.00 -16.43 -14.51
N ILE A 711 4.30 -16.62 -13.22
CA ILE A 711 3.38 -16.18 -12.14
C ILE A 711 3.25 -14.64 -12.09
N TRP A 712 4.33 -13.89 -12.37
CA TRP A 712 4.30 -12.40 -12.32
C TRP A 712 3.54 -11.83 -13.51
N GLY A 713 3.61 -12.51 -14.65
CA GLY A 713 2.89 -12.11 -15.88
C GLY A 713 3.67 -11.10 -16.69
N ASN A 714 3.31 -10.94 -17.96
CA ASN A 714 3.99 -9.99 -18.88
C ASN A 714 2.99 -8.91 -19.30
N GLU A 715 1.79 -8.91 -18.71
CA GLU A 715 0.76 -7.87 -18.97
C GLU A 715 1.28 -6.51 -18.47
N ARG A 716 0.78 -5.43 -19.08
CA ARG A 716 1.11 -4.04 -18.67
C ARG A 716 -0.09 -3.46 -17.93
N PHE A 717 0.16 -2.61 -16.93
CA PHE A 717 -0.84 -1.65 -16.42
C PHE A 717 -1.12 -0.63 -17.53
N ALA A 718 -2.37 -0.25 -17.71
CA ALA A 718 -2.76 0.72 -18.76
C ALA A 718 -3.89 1.61 -18.23
N LEU A 719 -3.88 2.87 -18.64
CA LEU A 719 -4.98 3.82 -18.34
C LEU A 719 -6.29 3.22 -18.82
N ASP A 720 -7.30 3.27 -17.96
CA ASP A 720 -8.68 2.94 -18.31
C ASP A 720 -9.17 3.94 -19.35
N PRO A 721 -10.00 3.49 -20.32
CA PRO A 721 -10.57 4.40 -21.32
C PRO A 721 -11.35 5.56 -20.69
N SER A 722 -11.81 5.41 -19.45
CA SER A 722 -12.64 6.41 -18.73
C SER A 722 -11.77 7.56 -18.22
N VAL A 723 -10.44 7.38 -18.22
CA VAL A 723 -9.50 8.46 -17.82
C VAL A 723 -9.73 9.67 -18.74
N VAL A 724 -9.77 10.86 -18.15
CA VAL A 724 -9.87 12.14 -18.91
C VAL A 724 -8.45 12.71 -19.02
N LYS A 725 -8.06 13.06 -20.24
CA LYS A 725 -6.73 13.65 -20.54
C LYS A 725 -6.92 15.14 -20.77
N SER A 726 -6.33 15.97 -19.91
CA SER A 726 -6.39 17.45 -20.01
C SER A 726 -5.01 18.00 -20.36
N GLU A 727 -4.97 18.92 -21.31
CA GLU A 727 -3.75 19.72 -21.62
C GLU A 727 -3.67 20.83 -20.58
N VAL A 728 -2.67 20.77 -19.71
CA VAL A 728 -2.50 21.76 -18.60
C VAL A 728 -1.10 22.38 -18.70
N LEU A 729 -0.94 23.57 -18.15
CA LEU A 729 0.39 24.21 -17.94
C LEU A 729 1.21 23.34 -17.00
N LYS A 730 2.47 23.08 -17.34
CA LYS A 730 3.44 22.41 -16.44
C LYS A 730 3.50 23.21 -15.14
N SER A 731 3.43 24.53 -15.22
CA SER A 731 3.66 25.48 -14.10
C SER A 731 2.53 25.38 -13.06
N THR A 732 1.28 25.20 -13.48
CA THR A 732 0.10 25.31 -12.60
C THR A 732 -0.69 23.99 -12.49
N GLY A 733 -0.47 23.05 -13.42
CA GLY A 733 -1.23 21.79 -13.48
C GLY A 733 -2.69 22.02 -13.87
N GLN A 734 -2.99 23.23 -14.34
CA GLN A 734 -4.37 23.66 -14.71
C GLN A 734 -4.33 24.27 -16.12
N LYS A 735 -5.49 24.36 -16.78
CA LYS A 735 -5.56 24.78 -18.19
C LYS A 735 -5.09 26.23 -18.33
N PRO A 736 -4.44 26.58 -19.45
CA PRO A 736 -3.96 27.95 -19.66
C PRO A 736 -5.15 28.92 -19.61
N GLY A 737 -4.92 30.14 -19.12
CA GLY A 737 -5.94 31.21 -19.10
C GLY A 737 -5.48 32.42 -18.30
N LYS A 738 -6.42 33.31 -17.97
CA LYS A 738 -6.17 34.61 -17.30
C LYS A 738 -6.33 34.42 -15.79
N VAL A 739 -5.43 35.03 -15.01
CA VAL A 739 -5.44 35.01 -13.52
C VAL A 739 -5.14 36.44 -13.03
N SER A 740 -5.78 36.86 -11.94
CA SER A 740 -5.49 38.13 -11.24
C SER A 740 -4.30 37.91 -10.30
N VAL A 741 -3.15 38.49 -10.64
CA VAL A 741 -1.90 38.49 -9.82
C VAL A 741 -1.59 39.92 -9.40
N GLU A 742 -1.81 40.24 -8.13
CA GLU A 742 -1.53 41.57 -7.53
C GLU A 742 -2.23 42.64 -8.39
N GLY A 743 -3.54 42.48 -8.61
CA GLY A 743 -4.39 43.43 -9.35
C GLY A 743 -4.43 43.13 -10.84
N LYS A 744 -3.26 43.07 -11.48
CA LYS A 744 -3.11 43.00 -12.96
C LYS A 744 -3.58 41.63 -13.46
N GLU A 745 -4.52 41.65 -14.41
CA GLU A 745 -5.06 40.45 -15.12
C GLU A 745 -3.95 39.88 -16.01
N VAL A 746 -3.40 38.71 -15.65
CA VAL A 746 -2.21 38.12 -16.31
C VAL A 746 -2.64 36.94 -17.20
N GLU A 747 -2.17 36.94 -18.45
CA GLU A 747 -2.38 35.83 -19.42
C GLU A 747 -1.34 34.74 -19.14
N VAL A 748 -1.74 33.65 -18.47
CA VAL A 748 -0.81 32.55 -18.07
C VAL A 748 -0.68 31.55 -19.22
N THR A 749 0.52 31.43 -19.78
CA THR A 749 0.86 30.54 -20.92
C THR A 749 2.17 29.80 -20.60
N GLY A 750 2.61 28.95 -21.52
CA GLY A 750 3.92 28.28 -21.46
C GLY A 750 3.80 26.79 -21.75
N SER A 751 4.84 26.04 -21.40
CA SER A 751 4.93 24.57 -21.63
C SER A 751 3.69 23.91 -21.06
N THR A 752 3.07 23.00 -21.83
CA THR A 752 1.89 22.21 -21.40
C THR A 752 2.27 20.72 -21.31
N VAL A 753 1.44 19.96 -20.62
CA VAL A 753 1.63 18.49 -20.40
C VAL A 753 0.24 17.87 -20.35
N THR A 754 0.13 16.59 -20.69
CA THR A 754 -1.14 15.84 -20.52
C THR A 754 -1.25 15.43 -19.05
N SER A 755 -2.35 15.81 -18.41
CA SER A 755 -2.69 15.45 -17.02
C SER A 755 -3.90 14.51 -17.03
N TYR A 756 -3.80 13.39 -16.34
CA TYR A 756 -4.84 12.34 -16.24
C TYR A 756 -5.76 12.62 -15.04
N TRP A 757 -7.06 12.63 -15.30
CA TRP A 757 -8.11 12.90 -14.28
C TRP A 757 -9.11 11.75 -14.29
N ALA A 758 -9.81 11.57 -13.16
CA ALA A 758 -10.79 10.49 -12.92
C ALA A 758 -12.16 11.12 -12.63
N ASN A 759 -12.37 12.31 -13.15
CA ASN A 759 -13.68 13.01 -13.11
C ASN A 759 -14.24 13.06 -14.54
N LYS A 760 -15.20 13.92 -14.80
CA LYS A 760 -15.84 13.99 -16.14
C LYS A 760 -15.18 15.09 -16.99
N SER A 761 -14.89 16.26 -16.38
CA SER A 761 -14.51 17.50 -17.11
C SER A 761 -12.98 17.64 -17.18
N GLY A 762 -12.24 16.80 -16.46
CA GLY A 762 -10.77 16.90 -16.39
C GLY A 762 -10.35 18.12 -15.57
N ALA A 763 -9.19 18.71 -15.93
CA ALA A 763 -8.55 19.81 -15.18
C ALA A 763 -9.37 21.08 -15.34
N PRO A 764 -9.49 21.88 -14.26
CA PRO A 764 -10.10 23.21 -14.36
C PRO A 764 -9.12 24.21 -15.00
N ALA A 765 -9.63 25.37 -15.40
CA ALA A 765 -8.78 26.52 -15.81
C ALA A 765 -7.90 26.89 -14.62
N THR A 766 -6.71 27.44 -14.88
CA THR A 766 -5.81 27.94 -13.82
C THR A 766 -6.56 28.98 -12.99
N SER A 767 -6.47 28.87 -11.66
CA SER A 767 -6.92 29.90 -10.70
C SER A 767 -5.70 30.37 -9.89
N TYR A 768 -5.83 31.46 -9.13
CA TYR A 768 -4.69 32.01 -8.35
C TYR A 768 -4.11 30.92 -7.45
N ARG A 769 -4.96 30.22 -6.69
CA ARG A 769 -4.55 29.12 -5.79
C ARG A 769 -4.61 27.81 -6.57
N PHE A 770 -3.67 27.62 -7.50
CA PHE A 770 -3.67 26.53 -8.51
C PHE A 770 -3.20 25.21 -7.90
N ALA A 771 -2.53 25.25 -6.75
CA ALA A 771 -1.85 24.09 -6.13
C ALA A 771 -2.70 23.54 -4.99
N ILE A 772 -2.41 22.29 -4.61
CA ILE A 772 -2.92 21.68 -3.35
C ILE A 772 -2.10 22.29 -2.22
N GLY A 773 -2.74 23.07 -1.35
CA GLY A 773 -2.12 23.68 -0.16
C GLY A 773 -1.33 24.92 -0.52
N GLY A 774 -0.64 25.48 0.47
CA GLY A 774 0.21 26.68 0.31
C GLY A 774 -0.39 27.87 1.03
N SER A 775 0.48 28.75 1.54
CA SER A 775 0.10 30.02 2.19
C SER A 775 0.01 31.14 1.15
N ASP A 776 -0.52 32.30 1.54
CA ASP A 776 -0.53 33.51 0.68
C ASP A 776 0.91 33.80 0.21
N ALA A 777 1.85 33.78 1.17
CA ALA A 777 3.30 34.05 0.92
C ALA A 777 3.84 33.07 -0.11
N ASP A 778 3.53 31.77 0.04
CA ASP A 778 3.96 30.71 -0.90
C ASP A 778 3.50 31.09 -2.31
N TYR A 779 2.25 31.53 -2.45
CA TYR A 779 1.61 31.83 -3.75
C TYR A 779 2.23 33.09 -4.36
N GLN A 780 2.62 34.06 -3.54
CA GLN A 780 3.34 35.28 -4.00
C GLN A 780 4.69 34.86 -4.60
N ASN A 781 5.37 33.91 -3.93
CA ASN A 781 6.70 33.40 -4.35
C ASN A 781 6.52 32.62 -5.66
N ALA A 782 5.53 31.73 -5.71
CA ALA A 782 5.27 30.82 -6.85
C ALA A 782 4.92 31.67 -8.08
N TRP A 783 3.96 32.58 -7.95
CA TRP A 783 3.46 33.44 -9.06
C TRP A 783 4.58 34.36 -9.56
N SER A 784 5.42 34.86 -8.66
CA SER A 784 6.59 35.70 -9.02
C SER A 784 7.46 34.96 -10.04
N SER A 785 7.75 33.67 -9.77
CA SER A 785 8.52 32.76 -10.65
C SER A 785 7.80 32.58 -11.99
N ILE A 786 6.52 32.26 -11.95
CA ILE A 786 5.69 31.91 -13.15
C ILE A 786 5.57 33.16 -14.04
N VAL A 787 5.26 34.31 -13.45
CA VAL A 787 5.15 35.61 -14.17
C VAL A 787 6.51 35.94 -14.80
N GLY A 788 7.60 35.74 -14.06
CA GLY A 788 8.97 35.97 -14.53
C GLY A 788 9.29 35.19 -15.79
N SER A 789 8.49 34.16 -16.10
CA SER A 789 8.71 33.21 -17.22
C SER A 789 7.86 33.57 -18.45
N LEU A 790 6.83 34.40 -18.27
CA LEU A 790 5.96 34.88 -19.38
C LEU A 790 6.70 35.98 -20.16
N2 KQN B . 12.15 15.96 12.66
N4 KQN B . 12.61 17.38 14.58
CA KQN B . 7.83 9.30 4.99
C KQN B . 7.13 8.05 4.42
CB KQN B . 9.07 9.64 4.15
O KQN B . 7.50 6.97 4.74
OB1 KQN B . 9.95 8.51 4.12
CB1 KQN B . 9.80 10.85 4.69
N KQN B . 8.14 9.10 6.39
CAO KQN B . 7.75 9.94 7.36
OAR KQN B . 7.19 11.01 7.12
CAP KQN B . 8.02 9.52 8.79
CAS KQN B . 6.76 8.89 9.41
N1 KQN B . 8.47 10.66 9.58
C7 KQN B . 9.45 11.45 9.15
C8 KQN B . 9.62 12.75 9.90
C9 KQN B . 9.70 12.56 11.38
C10 KQN B . 11.09 12.86 11.95
C11 KQN B . 11.07 13.82 13.13
C12 KQN B . 10.85 15.26 12.71
N3 KQN B . 12.40 16.72 13.67
OC7 KQN B . 10.18 11.15 8.21
CL CL C . 9.80 6.35 1.94
CL CL D . -13.42 9.93 7.23
CL CL E . 4.95 1.31 14.21
CL CL F . -6.04 22.80 -1.38
CL CL G . -9.92 12.73 -22.73
CL CL H . -16.24 16.66 -13.50
CL CL I . 0.34 -26.00 -4.75
CL CL J . -7.90 19.75 -22.55
CL CL K . -17.10 -37.08 8.03
CL CL L . -13.26 12.07 11.85
CL CL M . -5.84 -2.47 9.73
CL CL N . -8.08 -17.25 5.54
CL CL O . 6.25 -21.48 6.62
CL CL P . -15.08 2.56 -12.56
CL CL Q . 20.22 2.41 -7.79
CL CL R . 10.93 13.24 -9.79
CL CL S . 1.07 33.88 4.32
CL CL T . -19.34 -32.50 18.48
CL CL U . 2.49 -18.56 12.49
CL CL V . 14.57 -6.88 18.65
CL CL W . 13.34 1.04 -14.52
CL CL X . -1.13 3.59 -20.37
CL CL Y . 2.07 26.67 9.44
CL CL Z . -0.74 -6.06 -21.73
CL CL AA . 10.37 4.86 13.76
S DMS BA . -5.72 -14.17 5.67
O DMS BA . -4.99 -12.88 5.90
C1 DMS BA . -7.30 -13.99 6.49
C2 DMS BA . -5.02 -15.34 6.81
#